data_3GC2
#
_entry.id   3GC2
#
_cell.length_a   149.968
_cell.length_b   149.968
_cell.length_c   39.120
_cell.angle_alpha   90.00
_cell.angle_beta   90.00
_cell.angle_gamma   90.00
#
_symmetry.space_group_name_H-M   'P 43 21 2'
#
loop_
_entity.id
_entity.type
_entity.pdbx_description
1 polymer 'o-succinylbenzoate synthase'
2 non-polymer 'SUCCINIC ACID'
3 non-polymer '4-(2-HYDROXYETHYL)-1-PIPERAZINE ETHANESULFONIC ACID'
4 non-polymer 'SODIUM ION'
5 non-polymer 'CHLORIDE ION'
6 water water
#
_entity_poly.entity_id   1
_entity_poly.type   'polypeptide(L)'
_entity_poly.pdbx_seq_one_letter_code
;SNA(MSE)RSAQVYRWQIP(MSE)DAGVVLRDRRLKTRDGLYVCLRDGEREGWGEISPLPGFSQETWEEAQTALLTWVND
WLQGSEGLPE(MSE)PSVAFGASCALAELTGVLPEAADYRAAPLCTGDPDDLVLRLAD(MSE)PGEKIAKVKVGLYEAVR
DG(MSE)VVNLLLEAIPDLHLRLDANRAWTPLKAQQFAKYVNPDYRARIAFLEEPCKTRDDSRAFARETGIAIAWDESLR
EADFTFEAEEGVRAVVIKPTLTGSLDKVREQVAAAHALGLTAVISSSIESSLGLTQLARIAAWLTPGTLPGLDTLHL
(MSE)QAQQIRPWPGSALPCLKREELERLL
;
_entity_poly.pdbx_strand_id   A
#
loop_
_chem_comp.id
_chem_comp.type
_chem_comp.name
_chem_comp.formula
CL non-polymer 'CHLORIDE ION' 'Cl -1'
EPE non-polymer '4-(2-HYDROXYETHYL)-1-PIPERAZINE ETHANESULFONIC ACID' 'C8 H18 N2 O4 S'
NA non-polymer 'SODIUM ION' 'Na 1'
SIN non-polymer 'SUCCINIC ACID' 'C4 H6 O4'
#
# COMPACT_ATOMS: atom_id res chain seq x y z
N ASN A 2 -0.21 -32.76 -10.72
CA ASN A 2 -0.01 -33.51 -9.44
C ASN A 2 -1.33 -33.90 -8.82
N ALA A 3 -1.52 -35.20 -8.63
CA ALA A 3 -2.76 -35.73 -8.06
C ALA A 3 -3.24 -34.97 -6.82
N MSE A 4 -2.30 -34.50 -6.01
CA MSE A 4 -2.61 -33.82 -4.76
C MSE A 4 -3.05 -32.36 -4.95
O MSE A 4 -3.76 -31.81 -4.10
CB MSE A 4 -1.37 -33.87 -3.86
CG MSE A 4 -1.67 -33.85 -2.38
SE MSE A 4 -2.29 -35.59 -1.76
CE MSE A 4 -0.68 -36.65 -2.06
N ARG A 5 -2.65 -31.74 -6.05
CA ARG A 5 -2.91 -30.31 -6.28
C ARG A 5 -4.18 -29.97 -7.06
N SER A 6 -4.80 -28.85 -6.68
CA SER A 6 -5.96 -28.28 -7.39
C SER A 6 -5.94 -26.77 -7.16
N ALA A 7 -6.64 -26.03 -8.00
CA ALA A 7 -6.65 -24.59 -7.88
C ALA A 7 -7.96 -24.01 -8.37
N GLN A 8 -8.29 -22.84 -7.83
N GLN A 8 -8.30 -22.84 -7.83
CA GLN A 8 -9.46 -22.07 -8.21
CA GLN A 8 -9.48 -22.09 -8.26
C GLN A 8 -9.00 -20.65 -8.51
C GLN A 8 -9.06 -20.64 -8.48
N VAL A 9 -9.60 -20.03 -9.53
CA VAL A 9 -9.31 -18.64 -9.86
C VAL A 9 -10.65 -17.91 -9.98
N TYR A 10 -10.72 -16.73 -9.36
CA TYR A 10 -11.92 -15.91 -9.35
C TYR A 10 -11.63 -14.54 -9.91
N ARG A 11 -12.64 -13.95 -10.52
N ARG A 11 -12.59 -13.94 -10.59
CA ARG A 11 -12.57 -12.62 -11.11
CA ARG A 11 -12.41 -12.56 -11.03
C ARG A 11 -13.62 -11.76 -10.43
C ARG A 11 -13.57 -11.76 -10.45
N TRP A 12 -13.32 -10.47 -10.21
CA TRP A 12 -14.30 -9.61 -9.53
C TRP A 12 -14.11 -8.12 -9.77
N GLN A 13 -15.17 -7.38 -9.47
CA GLN A 13 -15.19 -5.93 -9.59
C GLN A 13 -15.92 -5.38 -8.36
N ILE A 14 -15.23 -4.58 -7.57
CA ILE A 14 -15.82 -4.00 -6.37
C ILE A 14 -16.20 -2.54 -6.59
N PRO A 15 -17.48 -2.17 -6.41
CA PRO A 15 -17.82 -0.76 -6.58
C PRO A 15 -17.10 0.14 -5.59
N MSE A 16 -16.65 1.31 -6.07
CA MSE A 16 -15.99 2.29 -5.24
C MSE A 16 -16.96 3.39 -4.85
O MSE A 16 -17.96 3.62 -5.55
CB MSE A 16 -14.84 2.94 -6.02
CG MSE A 16 -13.81 1.96 -6.55
SE MSE A 16 -12.79 1.17 -5.10
CE MSE A 16 -11.76 2.73 -4.56
N ASP A 17 -16.67 4.07 -3.75
CA ASP A 17 -17.47 5.24 -3.36
C ASP A 17 -17.23 6.32 -4.41
N ALA A 18 -18.16 7.26 -4.50
CA ALA A 18 -18.01 8.35 -5.47
C ALA A 18 -16.91 9.31 -5.02
N GLY A 19 -16.08 9.73 -5.97
CA GLY A 19 -15.03 10.70 -5.69
C GLY A 19 -13.63 10.15 -5.45
N VAL A 20 -13.32 9.00 -6.03
CA VAL A 20 -11.99 8.41 -5.92
C VAL A 20 -11.21 8.70 -7.20
N VAL A 21 -10.12 9.46 -7.08
CA VAL A 21 -9.32 9.86 -8.24
C VAL A 21 -7.83 9.48 -8.08
N LEU A 22 -7.24 8.97 -9.15
CA LEU A 22 -5.84 8.55 -9.17
C LEU A 22 -5.16 8.91 -10.50
N ARG A 23 -4.14 9.77 -10.44
CA ARG A 23 -3.43 10.20 -11.65
C ARG A 23 -4.41 10.65 -12.74
N ASP A 24 -5.29 11.57 -12.38
CA ASP A 24 -6.32 12.09 -13.29
C ASP A 24 -7.18 10.95 -13.86
N ARG A 25 -7.73 10.13 -12.98
CA ARG A 25 -8.59 9.02 -13.37
C ARG A 25 -9.75 8.84 -12.40
N ARG A 26 -10.83 8.24 -12.90
CA ARG A 26 -11.97 7.91 -12.07
C ARG A 26 -11.91 6.39 -11.84
N LEU A 27 -11.71 6.00 -10.58
CA LEU A 27 -11.73 4.60 -10.24
C LEU A 27 -13.15 4.32 -9.78
N LYS A 28 -14.00 3.89 -10.71
CA LYS A 28 -15.41 3.62 -10.41
C LYS A 28 -15.60 2.22 -9.84
N THR A 29 -14.73 1.29 -10.20
CA THR A 29 -14.74 -0.04 -9.63
C THR A 29 -13.30 -0.45 -9.44
N ARG A 30 -13.08 -1.38 -8.52
CA ARG A 30 -11.78 -1.96 -8.36
C ARG A 30 -11.91 -3.36 -8.93
N ASP A 31 -11.07 -3.65 -9.92
CA ASP A 31 -11.11 -4.91 -10.65
C ASP A 31 -9.92 -5.76 -10.25
N GLY A 32 -10.14 -7.04 -10.02
CA GLY A 32 -9.05 -7.93 -9.63
C GLY A 32 -9.39 -9.41 -9.72
N LEU A 33 -8.47 -10.22 -9.21
CA LEU A 33 -8.57 -11.67 -9.22
C LEU A 33 -8.09 -12.24 -7.92
N TYR A 34 -8.53 -13.46 -7.64
CA TYR A 34 -8.00 -14.23 -6.55
C TYR A 34 -7.56 -15.59 -7.08
N VAL A 35 -6.55 -16.17 -6.43
CA VAL A 35 -6.19 -17.54 -6.67
C VAL A 35 -6.31 -18.30 -5.34
N CYS A 36 -6.86 -19.51 -5.39
CA CYS A 36 -6.94 -20.40 -4.24
C CYS A 36 -6.23 -21.68 -4.64
N LEU A 37 -5.13 -21.99 -3.95
CA LEU A 37 -4.36 -23.19 -4.19
C LEU A 37 -4.59 -24.23 -3.10
N ARG A 38 -4.71 -25.49 -3.50
CA ARG A 38 -4.90 -26.61 -2.56
C ARG A 38 -3.89 -27.69 -2.86
N ASP A 39 -3.26 -28.22 -1.82
CA ASP A 39 -2.34 -29.33 -1.97
C ASP A 39 -2.58 -30.21 -0.75
N GLY A 40 -3.40 -31.24 -0.93
CA GLY A 40 -3.78 -32.11 0.18
C GLY A 40 -4.76 -31.37 1.06
N GLU A 41 -4.46 -31.29 2.36
CA GLU A 41 -5.29 -30.59 3.33
C GLU A 41 -4.89 -29.10 3.40
N ARG A 42 -3.83 -28.74 2.71
CA ARG A 42 -3.31 -27.38 2.73
C ARG A 42 -4.03 -26.47 1.73
N GLU A 43 -4.25 -25.22 2.12
CA GLU A 43 -4.91 -24.23 1.27
C GLU A 43 -4.15 -22.91 1.38
N GLY A 44 -4.23 -22.10 0.34
CA GLY A 44 -3.59 -20.79 0.32
C GLY A 44 -4.24 -19.88 -0.70
N TRP A 45 -4.42 -18.61 -0.32
CA TRP A 45 -5.05 -17.60 -1.19
C TRP A 45 -4.12 -16.45 -1.53
N GLY A 46 -4.38 -15.84 -2.69
CA GLY A 46 -3.63 -14.65 -3.12
C GLY A 46 -4.54 -13.72 -3.90
N GLU A 47 -4.20 -12.44 -3.88
CA GLU A 47 -4.91 -11.40 -4.64
C GLU A 47 -4.02 -10.84 -5.73
N ILE A 48 -4.57 -10.75 -6.93
CA ILE A 48 -3.88 -10.27 -8.12
C ILE A 48 -4.72 -9.11 -8.64
N SER A 49 -4.31 -7.88 -8.29
CA SER A 49 -5.11 -6.70 -8.60
C SER A 49 -4.26 -5.54 -9.08
N PRO A 50 -3.83 -5.58 -10.35
CA PRO A 50 -3.06 -4.43 -10.84
C PRO A 50 -3.87 -3.14 -10.73
N LEU A 51 -3.17 -2.04 -10.44
CA LEU A 51 -3.79 -0.75 -10.18
C LEU A 51 -3.66 0.17 -11.36
N PRO A 52 -4.80 0.53 -11.99
CA PRO A 52 -4.77 1.41 -13.15
C PRO A 52 -3.97 2.68 -12.92
N GLY A 53 -3.08 2.98 -13.85
CA GLY A 53 -2.25 4.19 -13.75
C GLY A 53 -0.97 3.98 -12.98
N PHE A 54 -0.81 2.85 -12.31
CA PHE A 54 0.40 2.56 -11.54
C PHE A 54 1.06 1.28 -12.02
N SER A 55 0.28 0.21 -12.11
CA SER A 55 0.78 -1.06 -12.64
C SER A 55 1.00 -0.94 -14.16
N GLN A 56 2.05 -1.59 -14.67
CA GLN A 56 2.30 -1.63 -16.11
C GLN A 56 1.31 -2.57 -16.79
N GLU A 57 0.99 -3.69 -16.11
CA GLU A 57 0.07 -4.69 -16.62
C GLU A 57 -1.40 -4.36 -16.33
N THR A 58 -2.29 -4.76 -17.24
CA THR A 58 -3.73 -4.56 -17.08
C THR A 58 -4.35 -5.77 -16.39
N TRP A 59 -5.59 -5.60 -15.93
CA TRP A 59 -6.38 -6.67 -15.33
C TRP A 59 -6.43 -7.89 -16.27
N GLU A 60 -6.69 -7.63 -17.53
CA GLU A 60 -6.76 -8.67 -18.55
C GLU A 60 -5.44 -9.43 -18.76
N GLU A 61 -4.34 -8.69 -18.75
CA GLU A 61 -3.01 -9.30 -18.88
C GLU A 61 -2.69 -10.14 -17.65
N ALA A 62 -3.06 -9.61 -16.48
CA ALA A 62 -2.84 -10.32 -15.23
C ALA A 62 -3.65 -11.60 -15.20
N GLN A 63 -4.87 -11.56 -15.73
CA GLN A 63 -5.71 -12.75 -15.76
C GLN A 63 -5.04 -13.89 -16.55
N THR A 64 -4.57 -13.57 -17.74
CA THR A 64 -3.90 -14.55 -18.59
C THR A 64 -2.65 -15.12 -17.93
N ALA A 65 -1.82 -14.25 -17.37
CA ALA A 65 -0.59 -14.65 -16.70
C ALA A 65 -0.85 -15.53 -15.49
N LEU A 66 -1.90 -15.20 -14.73
CA LEU A 66 -2.25 -15.97 -13.55
C LEU A 66 -2.72 -17.35 -13.95
N LEU A 67 -3.59 -17.41 -14.96
CA LEU A 67 -4.10 -18.71 -15.42
C LEU A 67 -2.96 -19.63 -15.90
N THR A 68 -2.05 -19.09 -16.68
CA THR A 68 -0.95 -19.89 -17.20
C THR A 68 0.02 -20.28 -16.08
N TRP A 69 0.21 -19.40 -15.09
CA TRP A 69 1.05 -19.74 -13.94
C TRP A 69 0.39 -20.89 -13.18
N VAL A 70 -0.92 -20.79 -12.95
CA VAL A 70 -1.65 -21.85 -12.25
C VAL A 70 -1.51 -23.19 -13.00
N ASN A 71 -1.59 -23.15 -14.32
CA ASN A 71 -1.46 -24.36 -15.14
C ASN A 71 -0.14 -25.08 -14.86
N ASP A 72 0.93 -24.29 -14.76
CA ASP A 72 2.27 -24.81 -14.49
C ASP A 72 2.39 -25.33 -13.07
N TRP A 73 1.86 -24.56 -12.11
CA TRP A 73 1.87 -24.95 -10.70
C TRP A 73 1.19 -26.31 -10.53
N LEU A 74 0.03 -26.48 -11.15
CA LEU A 74 -0.72 -27.75 -11.08
C LEU A 74 0.12 -28.93 -11.56
N GLN A 75 1.05 -28.68 -12.48
CA GLN A 75 1.93 -29.70 -13.02
C GLN A 75 3.29 -29.78 -12.30
N GLY A 76 3.41 -29.09 -11.18
CA GLY A 76 4.63 -29.17 -10.35
C GLY A 76 5.70 -28.10 -10.56
N SER A 77 5.35 -27.02 -11.26
N SER A 77 5.35 -27.02 -11.26
CA SER A 77 6.29 -25.92 -11.51
CA SER A 77 6.29 -25.93 -11.52
C SER A 77 5.76 -24.60 -10.99
C SER A 77 5.76 -24.60 -10.99
N GLU A 78 6.28 -24.15 -9.84
CA GLU A 78 5.84 -22.88 -9.24
C GLU A 78 6.71 -21.63 -9.40
N GLY A 79 7.76 -21.67 -10.23
CA GLY A 79 8.56 -20.47 -10.47
C GLY A 79 7.59 -19.32 -10.77
N LEU A 80 7.86 -18.15 -10.23
CA LEU A 80 6.91 -17.03 -10.38
C LEU A 80 7.16 -16.21 -11.63
N PRO A 81 6.13 -15.55 -12.15
CA PRO A 81 6.38 -14.66 -13.30
C PRO A 81 6.92 -13.34 -12.81
N GLU A 82 7.40 -12.51 -13.73
N GLU A 82 7.35 -12.46 -13.71
CA GLU A 82 7.92 -11.20 -13.39
CA GLU A 82 7.82 -11.14 -13.29
C GLU A 82 6.78 -10.23 -13.07
C GLU A 82 6.69 -10.09 -13.26
N MSE A 83 5.70 -10.31 -13.85
N MSE A 83 5.50 -10.40 -13.77
CA MSE A 83 4.54 -9.43 -13.67
CA MSE A 83 4.40 -9.44 -13.66
C MSE A 83 4.24 -9.26 -12.18
C MSE A 83 4.10 -9.24 -12.18
O MSE A 83 3.85 -10.23 -11.52
O MSE A 83 3.59 -10.15 -11.51
CB MSE A 83 3.34 -10.01 -14.42
CB MSE A 83 3.12 -9.91 -14.38
CG MSE A 83 2.16 -9.09 -14.52
CG MSE A 83 3.02 -9.50 -15.84
SE MSE A 83 0.79 -9.75 -15.73
SE MSE A 83 1.23 -9.90 -16.54
CE MSE A 83 1.77 -9.73 -17.45
CE MSE A 83 0.26 -9.50 -14.91
N PRO A 84 4.37 -8.04 -11.65
CA PRO A 84 4.28 -7.86 -10.18
C PRO A 84 3.01 -8.25 -9.44
N SER A 85 1.84 -7.90 -9.96
CA SER A 85 0.59 -8.23 -9.28
C SER A 85 0.40 -9.74 -9.21
N VAL A 86 0.78 -10.44 -10.28
CA VAL A 86 0.65 -11.89 -10.34
C VAL A 86 1.70 -12.55 -9.44
N ALA A 87 2.93 -12.06 -9.49
CA ALA A 87 3.98 -12.57 -8.61
C ALA A 87 3.57 -12.38 -7.14
N PHE A 88 3.03 -11.22 -6.80
CA PHE A 88 2.61 -10.97 -5.42
C PHE A 88 1.51 -11.94 -4.96
N GLY A 89 0.43 -12.01 -5.73
CA GLY A 89 -0.70 -12.87 -5.37
C GLY A 89 -0.36 -14.34 -5.31
N ALA A 90 0.36 -14.83 -6.32
CA ALA A 90 0.78 -16.22 -6.35
C ALA A 90 1.70 -16.54 -5.18
N SER A 91 2.63 -15.62 -4.89
CA SER A 91 3.57 -15.84 -3.77
C SER A 91 2.88 -15.90 -2.41
N CYS A 92 1.85 -15.07 -2.20
CA CYS A 92 1.06 -15.11 -0.98
C CYS A 92 0.33 -16.44 -0.84
N ALA A 93 -0.27 -16.92 -1.93
CA ALA A 93 -0.93 -18.24 -1.88
C ALA A 93 0.07 -19.35 -1.52
N LEU A 94 1.26 -19.29 -2.12
CA LEU A 94 2.30 -20.29 -1.81
C LEU A 94 2.73 -20.21 -0.35
N ALA A 95 2.85 -18.99 0.17
CA ALA A 95 3.27 -18.73 1.54
C ALA A 95 2.23 -19.19 2.55
N GLU A 96 0.96 -19.09 2.16
CA GLU A 96 -0.14 -19.57 2.98
C GLU A 96 -0.14 -21.11 3.00
N LEU A 97 0.18 -21.71 1.85
N LEU A 97 0.14 -21.75 1.86
CA LEU A 97 0.25 -23.17 1.70
CA LEU A 97 0.21 -23.21 1.79
C LEU A 97 1.31 -23.79 2.62
C LEU A 97 1.29 -23.76 2.72
N THR A 98 2.45 -23.13 2.74
CA THR A 98 3.58 -23.59 3.58
C THR A 98 3.54 -23.06 5.02
N GLY A 99 2.67 -22.09 5.29
CA GLY A 99 2.57 -21.49 6.62
C GLY A 99 3.66 -20.46 6.90
N VAL A 100 4.36 -20.02 5.86
CA VAL A 100 5.42 -19.02 6.00
C VAL A 100 4.86 -17.65 6.35
N LEU A 101 3.71 -17.31 5.78
CA LEU A 101 3.06 -16.04 6.09
C LEU A 101 2.36 -16.21 7.44
N PRO A 102 2.84 -15.53 8.50
CA PRO A 102 2.21 -15.78 9.79
C PRO A 102 0.75 -15.37 9.83
N GLU A 103 -0.03 -16.04 10.67
N GLU A 103 -0.05 -16.05 10.65
CA GLU A 103 -1.46 -15.76 10.82
CA GLU A 103 -1.48 -15.74 10.73
C GLU A 103 -1.73 -14.40 11.47
C GLU A 103 -1.77 -14.45 11.51
N ALA A 104 -0.84 -14.02 12.36
CA ALA A 104 -0.98 -12.80 13.15
C ALA A 104 -0.98 -11.48 12.43
N ALA A 105 -1.83 -10.59 12.92
CA ALA A 105 -1.86 -9.23 12.46
C ALA A 105 -2.41 -8.37 13.57
N ASP A 106 -2.05 -7.10 13.53
CA ASP A 106 -2.51 -6.12 14.48
C ASP A 106 -3.76 -5.38 13.95
N TYR A 107 -3.90 -5.34 12.63
CA TYR A 107 -5.04 -4.68 11.97
C TYR A 107 -5.20 -3.20 12.29
N ARG A 108 -4.09 -2.51 12.45
N ARG A 108 -4.09 -2.51 12.46
CA ARG A 108 -4.10 -1.05 12.67
CA ARG A 108 -4.11 -1.06 12.65
C ARG A 108 -3.32 -0.41 11.53
C ARG A 108 -3.39 -0.46 11.46
N ALA A 109 -3.79 0.77 11.11
CA ALA A 109 -3.21 1.49 10.00
C ALA A 109 -3.22 2.99 10.32
N ALA A 110 -2.37 3.75 9.63
CA ALA A 110 -2.35 5.19 9.78
C ALA A 110 -3.67 5.72 9.19
N PRO A 111 -4.50 6.40 9.99
CA PRO A 111 -5.76 6.89 9.41
C PRO A 111 -5.55 7.91 8.31
N LEU A 112 -6.30 7.76 7.23
CA LEU A 112 -6.21 8.62 6.06
C LEU A 112 -7.21 9.77 6.15
N CYS A 113 -6.73 11.01 6.02
CA CYS A 113 -7.63 12.17 6.03
C CYS A 113 -8.46 12.12 4.76
N THR A 114 -9.76 12.36 4.89
CA THR A 114 -10.68 12.32 3.76
C THR A 114 -11.43 13.63 3.58
N GLY A 115 -10.74 14.75 3.70
CA GLY A 115 -11.33 16.08 3.49
C GLY A 115 -11.95 16.77 4.70
N ASP A 116 -11.95 16.10 5.85
CA ASP A 116 -12.49 16.69 7.07
C ASP A 116 -11.47 16.59 8.21
N PRO A 117 -10.54 17.55 8.27
CA PRO A 117 -9.50 17.51 9.31
C PRO A 117 -10.04 17.53 10.75
N ASP A 118 -11.21 18.12 10.97
CA ASP A 118 -11.82 18.15 12.30
C ASP A 118 -12.15 16.74 12.78
N ASP A 119 -12.73 15.95 11.90
CA ASP A 119 -13.06 14.56 12.17
C ASP A 119 -11.80 13.79 12.52
N LEU A 120 -10.76 14.02 11.72
CA LEU A 120 -9.47 13.38 11.95
C LEU A 120 -8.94 13.82 13.31
N VAL A 121 -9.07 15.10 13.63
CA VAL A 121 -8.62 15.62 14.93
C VAL A 121 -9.37 14.97 16.08
N LEU A 122 -10.70 14.88 15.96
N LEU A 122 -10.71 14.88 15.98
CA LEU A 122 -11.54 14.28 16.99
CA LEU A 122 -11.51 14.25 17.03
C LEU A 122 -11.18 12.81 17.17
C LEU A 122 -11.11 12.80 17.20
N ARG A 123 -10.88 12.15 16.05
N ARG A 123 -10.91 12.12 16.07
CA ARG A 123 -10.54 10.73 16.03
CA ARG A 123 -10.54 10.70 16.07
C ARG A 123 -9.19 10.44 16.69
C ARG A 123 -9.19 10.46 16.75
N LEU A 124 -8.22 11.35 16.51
CA LEU A 124 -6.87 11.16 17.08
C LEU A 124 -6.55 11.90 18.40
N ALA A 125 -7.21 13.02 18.66
CA ALA A 125 -6.90 13.85 19.83
C ALA A 125 -6.90 13.11 21.16
N ASP A 126 -7.76 12.10 21.28
CA ASP A 126 -7.87 11.34 22.53
C ASP A 126 -7.44 9.88 22.37
N MSE A 127 -6.79 9.54 21.27
CA MSE A 127 -6.30 8.19 21.07
C MSE A 127 -5.14 7.95 22.03
O MSE A 127 -4.15 8.70 22.00
CB MSE A 127 -5.84 8.01 19.62
CG MSE A 127 -5.20 6.66 19.33
SE MSE A 127 -4.63 6.58 17.48
CE MSE A 127 -6.40 6.57 16.63
N PRO A 128 -5.25 6.93 22.89
CA PRO A 128 -4.09 6.68 23.75
C PRO A 128 -2.90 6.17 22.92
N GLY A 129 -1.69 6.57 23.31
CA GLY A 129 -0.48 6.11 22.64
C GLY A 129 0.00 6.96 21.48
N GLU A 130 0.78 6.34 20.61
CA GLU A 130 1.39 7.00 19.47
C GLU A 130 0.34 7.41 18.45
N LYS A 131 0.41 8.66 17.99
CA LYS A 131 -0.54 9.23 17.04
C LYS A 131 0.08 9.50 15.69
N ILE A 132 -0.32 8.72 14.69
CA ILE A 132 0.18 8.90 13.34
C ILE A 132 -1.01 8.92 12.39
N ALA A 133 -1.04 9.86 11.46
CA ALA A 133 -2.08 9.95 10.44
C ALA A 133 -1.46 10.25 9.07
N LYS A 134 -2.25 10.06 8.02
CA LYS A 134 -1.82 10.27 6.66
C LYS A 134 -2.71 11.32 5.98
N VAL A 135 -2.07 12.27 5.33
CA VAL A 135 -2.78 13.27 4.53
C VAL A 135 -2.21 13.26 3.10
N LYS A 136 -3.12 13.14 2.14
CA LYS A 136 -2.76 13.21 0.73
C LYS A 136 -2.62 14.68 0.39
N VAL A 137 -1.50 15.02 -0.27
CA VAL A 137 -1.27 16.39 -0.69
C VAL A 137 -1.05 16.43 -2.21
N GLY A 138 -1.11 17.61 -2.78
CA GLY A 138 -0.89 17.76 -4.21
C GLY A 138 -2.16 17.66 -5.07
N LEU A 139 -3.32 17.43 -4.45
CA LEU A 139 -4.58 17.38 -5.20
C LEU A 139 -5.15 18.81 -5.28
N TYR A 140 -5.24 19.43 -4.11
CA TYR A 140 -5.65 20.82 -3.99
C TYR A 140 -4.43 21.69 -4.24
N GLU A 141 -4.63 23.01 -4.23
CA GLU A 141 -3.51 23.93 -4.40
C GLU A 141 -2.59 23.85 -3.20
N ALA A 142 -1.30 24.18 -3.41
CA ALA A 142 -0.30 24.05 -2.35
C ALA A 142 -0.60 24.83 -1.04
N VAL A 143 -1.14 26.04 -1.18
N VAL A 143 -1.13 26.04 -1.16
CA VAL A 143 -1.51 26.87 -0.03
CA VAL A 143 -1.44 26.84 0.04
C VAL A 143 -2.48 26.14 0.90
C VAL A 143 -2.49 26.15 0.92
N ARG A 144 -3.48 25.51 0.30
CA ARG A 144 -4.47 24.76 1.06
C ARG A 144 -3.80 23.62 1.83
N ASP A 145 -2.98 22.84 1.13
CA ASP A 145 -2.33 21.69 1.78
C ASP A 145 -1.45 22.11 2.95
N GLY A 146 -0.68 23.18 2.77
CA GLY A 146 0.17 23.72 3.82
C GLY A 146 -0.61 24.15 5.05
N MSE A 147 -1.73 24.85 4.85
CA MSE A 147 -2.57 25.27 5.97
C MSE A 147 -3.22 24.09 6.71
O MSE A 147 -3.34 24.10 7.93
CB MSE A 147 -3.65 26.24 5.47
CG MSE A 147 -3.05 27.54 4.97
SE MSE A 147 -4.42 28.74 4.28
CE MSE A 147 -5.42 28.90 5.91
N VAL A 148 -3.66 23.09 5.96
CA VAL A 148 -4.29 21.91 6.56
C VAL A 148 -3.28 21.19 7.43
N VAL A 149 -2.10 20.96 6.89
CA VAL A 149 -1.01 20.29 7.61
C VAL A 149 -0.66 21.09 8.87
N ASN A 150 -0.56 22.40 8.72
CA ASN A 150 -0.23 23.24 9.84
C ASN A 150 -1.27 23.18 10.97
N LEU A 151 -2.54 23.28 10.61
N LEU A 151 -2.56 23.28 10.61
CA LEU A 151 -3.64 23.25 11.58
CA LEU A 151 -3.64 23.26 11.60
C LEU A 151 -3.75 21.92 12.34
C LEU A 151 -3.77 21.92 12.33
N LEU A 152 -3.50 20.83 11.64
CA LEU A 152 -3.56 19.50 12.27
C LEU A 152 -2.45 19.37 13.30
N LEU A 153 -1.25 19.79 12.92
CA LEU A 153 -0.09 19.69 13.81
C LEU A 153 -0.27 20.62 14.98
N GLU A 154 -0.87 21.77 14.74
CA GLU A 154 -1.16 22.70 15.83
C GLU A 154 -2.23 22.12 16.77
N ALA A 155 -3.27 21.50 16.22
CA ALA A 155 -4.39 20.96 17.04
C ALA A 155 -3.97 19.82 17.98
N ILE A 156 -3.07 18.95 17.51
CA ILE A 156 -2.60 17.82 18.31
C ILE A 156 -1.06 17.85 18.40
N PRO A 157 -0.52 18.31 19.53
CA PRO A 157 0.91 18.47 19.79
C PRO A 157 1.79 17.23 19.64
N ASP A 158 1.21 16.04 19.82
CA ASP A 158 1.98 14.81 19.66
C ASP A 158 1.61 14.05 18.37
N LEU A 159 0.90 14.71 17.46
CA LEU A 159 0.55 14.08 16.18
C LEU A 159 1.75 14.11 15.25
N HIS A 160 1.97 13.01 14.56
CA HIS A 160 2.98 12.88 13.52
C HIS A 160 2.23 12.56 12.23
N LEU A 161 2.55 13.29 11.18
CA LEU A 161 1.87 13.12 9.91
C LEU A 161 2.73 12.55 8.82
N ARG A 162 2.16 11.58 8.12
CA ARG A 162 2.70 11.08 6.87
C ARG A 162 1.95 11.83 5.80
N LEU A 163 2.68 12.39 4.84
CA LEU A 163 2.10 13.16 3.76
C LEU A 163 2.49 12.46 2.48
N ASP A 164 1.57 12.45 1.52
CA ASP A 164 1.81 11.76 0.26
C ASP A 164 1.47 12.66 -0.93
N ALA A 165 2.50 13.04 -1.68
CA ALA A 165 2.33 13.94 -2.83
C ALA A 165 2.32 13.25 -4.17
N ASN A 166 2.83 12.02 -4.26
CA ASN A 166 2.91 11.33 -5.55
C ASN A 166 3.49 12.20 -6.67
N ARG A 167 4.61 12.86 -6.35
CA ARG A 167 5.37 13.68 -7.32
C ARG A 167 4.53 14.80 -7.93
N ALA A 168 3.70 15.43 -7.13
CA ALA A 168 2.79 16.45 -7.64
C ALA A 168 3.45 17.78 -7.95
N TRP A 169 4.50 18.12 -7.21
CA TRP A 169 5.02 19.47 -7.24
C TRP A 169 6.29 19.80 -8.01
N THR A 170 6.31 21.00 -8.56
CA THR A 170 7.52 21.59 -9.07
C THR A 170 8.28 22.09 -7.83
N PRO A 171 9.56 22.46 -7.98
CA PRO A 171 10.26 23.00 -6.82
C PRO A 171 9.55 24.21 -6.21
N LEU A 172 9.00 25.07 -7.06
CA LEU A 172 8.27 26.24 -6.60
C LEU A 172 7.06 25.87 -5.75
N LYS A 173 6.22 24.95 -6.25
CA LYS A 173 5.02 24.56 -5.50
C LYS A 173 5.35 23.89 -4.18
N ALA A 174 6.42 23.09 -4.16
CA ALA A 174 6.86 22.45 -2.92
C ALA A 174 7.28 23.50 -1.90
N GLN A 175 8.00 24.54 -2.35
CA GLN A 175 8.39 25.64 -1.44
C GLN A 175 7.17 26.41 -0.97
N GLN A 176 6.18 26.60 -1.85
CA GLN A 176 4.94 27.26 -1.47
C GLN A 176 4.19 26.45 -0.41
N PHE A 177 4.17 25.13 -0.55
CA PHE A 177 3.55 24.29 0.48
C PHE A 177 4.24 24.49 1.84
N ALA A 178 5.56 24.40 1.81
CA ALA A 178 6.38 24.47 3.02
C ALA A 178 6.23 25.78 3.77
N LYS A 179 6.09 26.88 3.05
CA LYS A 179 6.03 28.18 3.74
C LYS A 179 4.83 28.30 4.70
N TYR A 180 3.77 27.54 4.48
CA TYR A 180 2.59 27.58 5.35
C TYR A 180 2.70 26.63 6.55
N VAL A 181 3.74 25.81 6.56
CA VAL A 181 3.95 24.91 7.68
C VAL A 181 4.98 25.52 8.64
N ASN A 182 4.51 25.86 9.82
CA ASN A 182 5.36 26.42 10.87
C ASN A 182 6.61 25.55 11.07
N PRO A 183 7.81 26.16 11.00
CA PRO A 183 9.05 25.39 11.20
C PRO A 183 9.11 24.61 12.51
N ASP A 184 8.45 25.14 13.54
CA ASP A 184 8.39 24.45 14.84
C ASP A 184 7.68 23.11 14.74
N TYR A 185 6.87 22.93 13.69
CA TYR A 185 6.11 21.70 13.54
C TYR A 185 6.68 20.76 12.49
N ARG A 186 7.63 21.22 11.69
CA ARG A 186 8.14 20.41 10.58
C ARG A 186 8.74 19.09 11.00
N ALA A 187 9.35 19.02 12.18
CA ALA A 187 9.93 17.79 12.70
C ALA A 187 8.86 16.72 12.91
N ARG A 188 7.61 17.13 13.02
CA ARG A 188 6.51 16.19 13.19
C ARG A 188 5.86 15.71 11.90
N ILE A 189 6.44 16.11 10.78
CA ILE A 189 6.11 15.44 9.53
C ILE A 189 7.02 14.21 9.54
N ALA A 190 6.42 13.04 9.71
CA ALA A 190 7.16 11.77 9.77
C ALA A 190 7.93 11.62 8.47
N PHE A 191 7.23 11.90 7.36
CA PHE A 191 7.83 11.95 6.05
C PHE A 191 6.81 12.49 5.04
N LEU A 192 7.35 13.09 3.99
CA LEU A 192 6.56 13.55 2.85
C LEU A 192 6.98 12.67 1.66
N GLU A 193 6.08 11.81 1.20
CA GLU A 193 6.37 10.90 0.09
C GLU A 193 6.45 11.64 -1.24
N GLU A 194 7.60 11.55 -1.90
CA GLU A 194 7.78 12.03 -3.29
C GLU A 194 7.18 13.42 -3.55
N PRO A 195 7.69 14.45 -2.86
CA PRO A 195 7.12 15.78 -3.05
C PRO A 195 7.18 16.30 -4.49
N CYS A 196 8.34 16.12 -5.15
CA CYS A 196 8.59 16.74 -6.44
C CYS A 196 8.61 15.78 -7.63
N LYS A 197 8.52 16.37 -8.81
CA LYS A 197 8.49 15.63 -10.06
C LYS A 197 9.78 14.82 -10.29
N THR A 198 10.91 15.34 -9.81
CA THR A 198 12.18 14.62 -9.93
C THR A 198 12.71 14.32 -8.53
N ARG A 199 13.44 13.22 -8.43
CA ARG A 199 14.02 12.80 -7.15
C ARG A 199 15.05 13.83 -6.64
N ASP A 200 15.86 14.39 -7.55
CA ASP A 200 16.86 15.41 -7.15
C ASP A 200 16.17 16.65 -6.56
N ASP A 201 15.02 17.03 -7.11
CA ASP A 201 14.27 18.16 -6.54
C ASP A 201 13.66 17.81 -5.19
N SER A 202 13.22 16.56 -5.03
CA SER A 202 12.72 16.12 -3.72
C SER A 202 13.81 16.16 -2.67
N ARG A 203 15.01 15.70 -3.01
CA ARG A 203 16.13 15.73 -2.06
C ARG A 203 16.52 17.17 -1.70
N ALA A 204 16.56 18.06 -2.69
CA ALA A 204 16.86 19.48 -2.45
C ALA A 204 15.82 20.13 -1.54
N PHE A 205 14.54 19.78 -1.75
CA PHE A 205 13.45 20.26 -0.91
C PHE A 205 13.65 19.80 0.54
N ALA A 206 14.00 18.53 0.73
CA ALA A 206 14.22 17.97 2.07
C ALA A 206 15.33 18.71 2.78
N ARG A 207 16.45 18.92 2.09
CA ARG A 207 17.61 19.59 2.69
C ARG A 207 17.32 21.07 2.99
N GLU A 208 16.60 21.73 2.10
CA GLU A 208 16.26 23.14 2.29
C GLU A 208 15.27 23.40 3.43
N THR A 209 14.19 22.62 3.48
CA THR A 209 13.10 22.85 4.41
C THR A 209 13.22 22.15 5.74
N GLY A 210 14.05 21.12 5.80
CA GLY A 210 14.17 20.30 7.00
C GLY A 210 13.00 19.33 7.13
N ILE A 211 12.20 19.19 6.08
CA ILE A 211 11.08 18.27 6.10
C ILE A 211 11.56 16.93 5.54
N ALA A 212 11.37 15.86 6.31
CA ALA A 212 11.80 14.52 5.90
C ALA A 212 10.98 14.01 4.71
N ILE A 213 11.64 13.25 3.83
CA ILE A 213 10.96 12.70 2.67
C ILE A 213 11.04 11.17 2.65
N ALA A 214 10.19 10.58 1.80
CA ALA A 214 10.16 9.16 1.59
C ALA A 214 10.02 8.87 0.11
N TRP A 215 10.54 7.72 -0.30
CA TRP A 215 10.40 7.24 -1.65
C TRP A 215 9.26 6.22 -1.69
N ASP A 216 8.51 6.25 -2.80
CA ASP A 216 7.40 5.35 -3.05
C ASP A 216 7.52 4.92 -4.51
N GLU A 217 7.06 5.74 -5.44
CA GLU A 217 7.15 5.28 -6.84
C GLU A 217 8.58 5.10 -7.33
N SER A 218 9.55 5.81 -6.73
CA SER A 218 10.95 5.62 -7.09
C SER A 218 11.39 4.16 -6.99
N LEU A 219 10.88 3.44 -5.99
CA LEU A 219 11.24 2.03 -5.78
C LEU A 219 10.92 1.14 -6.96
N ARG A 220 9.97 1.55 -7.79
CA ARG A 220 9.59 0.76 -8.95
C ARG A 220 10.33 1.19 -10.21
N GLU A 221 11.20 2.19 -10.12
CA GLU A 221 11.99 2.64 -11.27
C GLU A 221 13.20 1.73 -11.49
N ALA A 222 13.62 1.56 -12.75
CA ALA A 222 14.70 0.63 -13.09
C ALA A 222 16.00 0.92 -12.36
N ASP A 223 16.28 2.19 -12.19
CA ASP A 223 17.54 2.63 -11.62
C ASP A 223 17.62 2.52 -10.09
N PHE A 224 16.50 2.19 -9.42
CA PHE A 224 16.49 2.31 -7.96
C PHE A 224 17.51 1.53 -7.13
N THR A 225 18.19 2.27 -6.26
CA THR A 225 19.15 1.70 -5.32
C THR A 225 18.81 2.21 -3.93
N PHE A 226 18.81 1.33 -2.94
CA PHE A 226 18.55 1.75 -1.57
C PHE A 226 19.78 2.47 -1.08
N GLU A 227 19.57 3.71 -0.64
N GLU A 227 19.63 3.72 -0.66
CA GLU A 227 20.64 4.63 -0.23
CA GLU A 227 20.77 4.48 -0.15
C GLU A 227 20.26 5.45 0.98
C GLU A 227 20.32 5.42 0.95
N ALA A 228 21.19 5.61 1.92
CA ALA A 228 20.92 6.51 3.03
C ALA A 228 21.37 7.84 2.43
N GLU A 229 20.52 8.86 2.60
N GLU A 229 20.55 8.87 2.56
CA GLU A 229 20.69 10.16 1.99
CA GLU A 229 20.95 10.20 2.12
C GLU A 229 20.17 11.22 2.96
C GLU A 229 20.20 11.21 2.94
N GLU A 230 20.80 12.40 3.02
CA GLU A 230 20.32 13.48 3.87
C GLU A 230 18.87 13.79 3.55
N GLY A 231 18.03 13.82 4.58
CA GLY A 231 16.61 14.12 4.43
C GLY A 231 15.68 12.95 4.14
N VAL A 232 16.22 11.79 3.76
CA VAL A 232 15.38 10.64 3.43
C VAL A 232 15.22 9.77 4.66
N ARG A 233 13.97 9.57 5.08
N ARG A 233 13.97 9.61 5.11
CA ARG A 233 13.71 8.82 6.32
CA ARG A 233 13.66 8.84 6.34
C ARG A 233 13.03 7.48 6.12
C ARG A 233 13.04 7.47 6.11
N ALA A 234 12.35 7.31 4.99
CA ALA A 234 11.58 6.10 4.76
C ALA A 234 11.38 5.73 3.31
N VAL A 235 10.95 4.50 3.13
CA VAL A 235 10.50 3.99 1.85
C VAL A 235 9.13 3.37 2.04
N VAL A 236 8.32 3.48 1.00
CA VAL A 236 6.95 2.96 0.98
C VAL A 236 6.92 1.80 -0.01
N ILE A 237 6.60 0.62 0.51
CA ILE A 237 6.61 -0.63 -0.27
C ILE A 237 5.18 -1.13 -0.48
N LYS A 238 4.73 -1.04 -1.73
CA LYS A 238 3.39 -1.48 -2.18
C LYS A 238 3.55 -2.84 -2.87
N PRO A 239 3.31 -3.95 -2.15
CA PRO A 239 3.61 -5.26 -2.73
C PRO A 239 2.96 -5.57 -4.09
N THR A 240 1.71 -5.16 -4.29
CA THR A 240 1.02 -5.39 -5.56
C THR A 240 1.78 -4.77 -6.75
N LEU A 241 2.50 -3.69 -6.50
CA LEU A 241 3.28 -3.02 -7.54
C LEU A 241 4.72 -3.47 -7.57
N THR A 242 5.10 -4.26 -6.57
CA THR A 242 6.49 -4.68 -6.39
C THR A 242 6.77 -6.04 -6.94
N GLY A 243 6.02 -7.04 -6.49
CA GLY A 243 6.25 -8.41 -6.89
C GLY A 243 6.10 -9.41 -5.77
N SER A 244 6.92 -10.46 -5.83
CA SER A 244 6.81 -11.56 -4.89
C SER A 244 7.08 -11.18 -3.43
N LEU A 245 6.53 -11.97 -2.52
N LEU A 245 6.53 -11.97 -2.51
CA LEU A 245 6.80 -11.79 -1.10
CA LEU A 245 6.82 -11.79 -1.08
C LEU A 245 8.32 -11.80 -0.81
C LEU A 245 8.33 -11.79 -0.83
N ASP A 246 9.06 -12.66 -1.52
CA ASP A 246 10.52 -12.69 -1.34
C ASP A 246 11.16 -11.33 -1.72
N LYS A 247 10.69 -10.73 -2.80
CA LYS A 247 11.20 -9.42 -3.23
C LYS A 247 10.82 -8.35 -2.20
N VAL A 248 9.61 -8.41 -1.70
CA VAL A 248 9.17 -7.48 -0.65
C VAL A 248 10.08 -7.63 0.58
N ARG A 249 10.38 -8.87 0.95
CA ARG A 249 11.26 -9.12 2.10
C ARG A 249 12.64 -8.50 1.89
N GLU A 250 13.20 -8.68 0.68
N GLU A 250 13.19 -8.69 0.69
CA GLU A 250 14.51 -8.16 0.33
CA GLU A 250 14.49 -8.17 0.33
C GLU A 250 14.53 -6.64 0.43
C GLU A 250 14.54 -6.64 0.42
N GLN A 251 13.46 -5.99 -0.01
CA GLN A 251 13.38 -4.53 0.04
C GLN A 251 13.26 -3.99 1.47
N VAL A 252 12.38 -4.61 2.26
CA VAL A 252 12.27 -4.24 3.68
C VAL A 252 13.64 -4.37 4.35
N ALA A 253 14.29 -5.51 4.14
CA ALA A 253 15.62 -5.77 4.75
C ALA A 253 16.66 -4.73 4.32
N ALA A 254 16.68 -4.41 3.02
CA ALA A 254 17.63 -3.41 2.51
C ALA A 254 17.40 -2.02 3.12
N ALA A 255 16.13 -1.63 3.27
CA ALA A 255 15.80 -0.36 3.89
C ALA A 255 16.23 -0.34 5.36
N HIS A 256 15.82 -1.36 6.10
CA HIS A 256 16.18 -1.45 7.52
C HIS A 256 17.68 -1.45 7.74
N ALA A 257 18.44 -2.11 6.85
CA ALA A 257 19.89 -2.20 7.00
C ALA A 257 20.54 -0.81 6.89
N LEU A 258 19.85 0.12 6.23
CA LEU A 258 20.31 1.50 6.09
C LEU A 258 19.71 2.45 7.11
N GLY A 259 18.92 1.92 8.03
CA GLY A 259 18.27 2.71 9.06
C GLY A 259 17.02 3.42 8.57
N LEU A 260 16.55 3.07 7.39
CA LEU A 260 15.33 3.64 6.85
C LEU A 260 14.09 2.94 7.39
N THR A 261 13.03 3.71 7.63
CA THR A 261 11.73 3.13 7.97
C THR A 261 11.15 2.53 6.67
N ALA A 262 10.55 1.35 6.75
CA ALA A 262 9.89 0.72 5.62
C ALA A 262 8.41 0.56 5.96
N VAL A 263 7.54 1.15 5.13
CA VAL A 263 6.10 1.10 5.34
C VAL A 263 5.45 0.19 4.31
N ILE A 264 4.76 -0.84 4.81
CA ILE A 264 3.98 -1.71 3.95
C ILE A 264 2.69 -0.94 3.62
N SER A 265 2.41 -0.83 2.33
CA SER A 265 1.37 0.07 1.85
C SER A 265 0.41 -0.53 0.83
N SER A 266 -0.82 -0.04 0.87
CA SER A 266 -1.92 -0.45 0.04
C SER A 266 -1.89 0.07 -1.40
N SER A 267 -2.31 -0.79 -2.32
CA SER A 267 -2.54 -0.45 -3.73
C SER A 267 -4.06 -0.57 -3.96
N ILE A 268 -4.80 -0.22 -2.92
CA ILE A 268 -6.26 -0.31 -2.93
C ILE A 268 -6.73 -1.74 -3.19
N GLU A 269 -6.12 -2.70 -2.49
CA GLU A 269 -6.55 -4.08 -2.60
C GLU A 269 -7.90 -4.27 -1.95
N SER A 270 -8.56 -5.38 -2.29
CA SER A 270 -9.80 -5.78 -1.62
C SER A 270 -9.41 -6.15 -0.20
N SER A 271 -10.43 -6.36 0.62
CA SER A 271 -10.20 -6.72 2.01
C SER A 271 -9.30 -7.94 2.17
N LEU A 272 -9.42 -8.94 1.29
N LEU A 272 -9.43 -8.92 1.28
CA LEU A 272 -8.57 -10.13 1.40
CA LEU A 272 -8.61 -10.13 1.31
C LEU A 272 -7.09 -9.76 1.32
C LEU A 272 -7.12 -9.79 1.28
N GLY A 273 -6.72 -9.04 0.26
CA GLY A 273 -5.36 -8.59 0.10
C GLY A 273 -4.91 -7.67 1.23
N LEU A 274 -5.78 -6.78 1.69
CA LEU A 274 -5.46 -5.88 2.80
C LEU A 274 -5.14 -6.65 4.10
N THR A 275 -5.89 -7.72 4.38
CA THR A 275 -5.61 -8.52 5.59
C THR A 275 -4.27 -9.23 5.43
N GLN A 276 -3.93 -9.63 4.21
CA GLN A 276 -2.61 -10.23 3.99
C GLN A 276 -1.49 -9.21 4.17
N LEU A 277 -1.70 -7.99 3.70
CA LEU A 277 -0.74 -6.90 3.91
C LEU A 277 -0.59 -6.60 5.40
N ALA A 278 -1.69 -6.69 6.16
CA ALA A 278 -1.60 -6.50 7.61
C ALA A 278 -0.70 -7.57 8.26
N ARG A 279 -0.80 -8.81 7.78
CA ARG A 279 0.03 -9.90 8.28
C ARG A 279 1.50 -9.71 7.87
N ILE A 280 1.70 -9.29 6.62
CA ILE A 280 3.02 -9.00 6.13
C ILE A 280 3.67 -7.88 6.96
N ALA A 281 2.91 -6.85 7.29
CA ALA A 281 3.43 -5.73 8.07
C ALA A 281 3.78 -6.15 9.49
N ALA A 282 2.90 -6.91 10.13
CA ALA A 282 3.18 -7.36 11.50
C ALA A 282 4.43 -8.26 11.55
N TRP A 283 4.66 -9.00 10.48
CA TRP A 283 5.79 -9.92 10.38
C TRP A 283 7.10 -9.22 10.06
N LEU A 284 7.14 -8.50 8.95
CA LEU A 284 8.38 -7.88 8.44
C LEU A 284 8.71 -6.49 8.96
N THR A 285 7.69 -5.74 9.39
CA THR A 285 7.87 -4.37 9.88
C THR A 285 7.10 -4.21 11.20
N PRO A 286 7.40 -5.08 12.19
CA PRO A 286 6.63 -5.06 13.44
C PRO A 286 6.58 -3.71 14.13
N GLY A 287 7.62 -2.90 14.03
CA GLY A 287 7.55 -1.60 14.70
C GLY A 287 6.92 -0.45 13.93
N THR A 288 6.37 -0.70 12.74
CA THR A 288 5.89 0.37 11.85
C THR A 288 4.45 0.20 11.37
N LEU A 289 3.62 1.17 11.72
CA LEU A 289 2.21 1.19 11.34
C LEU A 289 2.13 1.15 9.81
N PRO A 290 1.39 0.20 9.22
CA PRO A 290 1.30 0.13 7.77
C PRO A 290 0.27 1.13 7.19
N GLY A 291 0.40 1.41 5.89
CA GLY A 291 -0.46 2.33 5.17
C GLY A 291 -1.58 1.60 4.47
N LEU A 292 -2.53 1.09 5.26
CA LEU A 292 -3.60 0.22 4.77
C LEU A 292 -5.01 0.77 4.91
N ASP A 293 -5.16 2.06 5.21
CA ASP A 293 -6.49 2.63 5.46
C ASP A 293 -7.19 3.05 4.15
N THR A 294 -7.43 2.07 3.27
CA THR A 294 -8.02 2.34 1.97
C THR A 294 -9.33 1.56 1.73
N LEU A 295 -9.75 0.78 2.71
CA LEU A 295 -10.94 -0.04 2.57
C LEU A 295 -12.21 0.79 2.54
N HIS A 296 -12.24 1.86 3.32
CA HIS A 296 -13.42 2.72 3.39
C HIS A 296 -13.76 3.38 2.04
N LEU A 297 -12.86 3.28 1.06
CA LEU A 297 -13.08 3.83 -0.27
C LEU A 297 -13.95 2.90 -1.11
N MSE A 298 -14.18 1.70 -0.60
CA MSE A 298 -14.88 0.64 -1.32
C MSE A 298 -16.28 0.39 -0.73
O MSE A 298 -16.55 0.79 0.40
CB MSE A 298 -14.03 -0.63 -1.27
CG MSE A 298 -12.55 -0.33 -1.50
SE MSE A 298 -11.39 -1.86 -1.37
CE MSE A 298 -11.21 -2.31 -3.24
N GLN A 299 -17.15 -0.27 -1.49
CA GLN A 299 -18.51 -0.54 -1.05
C GLN A 299 -18.75 -1.98 -0.57
N ALA A 300 -17.73 -2.83 -0.68
CA ALA A 300 -17.84 -4.22 -0.25
C ALA A 300 -16.51 -4.86 0.05
N GLN A 301 -16.55 -5.83 0.96
CA GLN A 301 -15.42 -6.68 1.28
C GLN A 301 -15.69 -8.01 0.59
N GLN A 302 -14.66 -8.85 0.50
CA GLN A 302 -14.79 -10.16 -0.10
C GLN A 302 -13.92 -11.20 0.59
N ILE A 303 -14.53 -12.37 0.79
CA ILE A 303 -13.90 -13.57 1.36
C ILE A 303 -13.36 -13.43 2.80
N ARG A 304 -12.43 -12.51 3.02
CA ARG A 304 -11.91 -12.26 4.36
C ARG A 304 -12.19 -10.82 4.73
N PRO A 305 -12.94 -10.61 5.82
CA PRO A 305 -13.22 -9.24 6.21
C PRO A 305 -12.12 -8.60 7.03
N TRP A 306 -12.04 -7.28 6.96
CA TRP A 306 -11.14 -6.52 7.81
C TRP A 306 -11.90 -6.36 9.14
N PRO A 307 -11.31 -6.78 10.27
CA PRO A 307 -11.98 -6.69 11.55
C PRO A 307 -12.48 -5.29 11.87
N GLY A 308 -13.77 -5.15 12.13
CA GLY A 308 -14.34 -3.86 12.47
C GLY A 308 -14.97 -3.11 11.32
N SER A 309 -14.76 -3.56 10.09
CA SER A 309 -15.38 -2.88 8.96
C SER A 309 -16.86 -3.21 8.93
N ALA A 310 -17.68 -2.19 8.68
CA ALA A 310 -19.13 -2.36 8.64
C ALA A 310 -19.61 -2.70 7.23
N LEU A 311 -18.70 -2.76 6.26
CA LEU A 311 -19.04 -3.07 4.87
C LEU A 311 -19.51 -4.51 4.73
N PRO A 312 -20.49 -4.78 3.84
CA PRO A 312 -20.91 -6.16 3.63
C PRO A 312 -19.75 -6.97 3.06
N CYS A 313 -19.71 -8.26 3.35
CA CYS A 313 -18.63 -9.12 2.88
C CYS A 313 -19.17 -10.24 2.00
N LEU A 314 -18.77 -10.27 0.74
CA LEU A 314 -19.25 -11.29 -0.20
C LEU A 314 -18.51 -12.60 -0.02
N LYS A 315 -19.22 -13.71 -0.16
CA LYS A 315 -18.58 -15.03 -0.09
C LYS A 315 -18.06 -15.41 -1.45
N ARG A 316 -17.16 -16.39 -1.51
CA ARG A 316 -16.53 -16.80 -2.76
C ARG A 316 -17.55 -17.29 -3.77
N GLU A 317 -18.63 -17.93 -3.29
CA GLU A 317 -19.68 -18.44 -4.17
C GLU A 317 -20.37 -17.31 -4.94
N GLU A 318 -20.24 -16.09 -4.45
CA GLU A 318 -20.85 -14.92 -5.10
C GLU A 318 -19.99 -14.32 -6.20
N LEU A 319 -18.73 -14.76 -6.30
CA LEU A 319 -17.82 -14.20 -7.30
C LEU A 319 -17.78 -15.04 -8.58
N GLU A 320 -17.29 -14.42 -9.65
CA GLU A 320 -17.17 -15.10 -10.94
C GLU A 320 -15.97 -16.03 -10.90
N ARG A 321 -16.24 -17.30 -11.16
CA ARG A 321 -15.23 -18.33 -11.13
C ARG A 321 -14.66 -18.56 -12.55
N LEU A 322 -13.35 -18.44 -12.70
CA LEU A 322 -12.66 -18.70 -13.98
C LEU A 322 -12.17 -20.13 -14.06
N LEU A 323 -11.70 -20.66 -12.92
N LEU A 323 -11.70 -20.67 -12.93
CA LEU A 323 -11.19 -22.01 -12.84
CA LEU A 323 -11.25 -22.06 -12.87
C LEU A 323 -11.63 -22.57 -11.50
C LEU A 323 -11.98 -22.73 -11.72
C1 SIN B . -1.14 4.72 2.70
O1 SIN B . 0.03 4.54 2.28
O2 SIN B . -1.32 5.19 3.85
C2 SIN B . -2.34 4.36 1.83
C3 SIN B . -1.94 4.08 0.38
C4 SIN B . -1.58 5.38 -0.32
O3 SIN B . -0.86 5.36 -1.33
O4 SIN B . -1.99 6.47 0.10
C1 SIN C . -6.60 -17.97 7.22
C1 SIN C . -5.82 -17.24 7.24
O1 SIN C . -7.55 -17.89 6.41
O1 SIN C . -6.62 -16.45 6.67
O2 SIN C . -6.83 -17.99 8.46
O2 SIN C . -5.19 -16.83 8.24
C2 SIN C . -5.20 -18.04 6.70
C2 SIN C . -5.63 -18.64 6.74
C3 SIN C . -4.86 -19.51 6.50
C3 SIN C . -4.53 -19.33 7.53
C4 SIN C . -3.54 -19.67 5.81
C4 SIN C . -3.25 -19.41 6.72
O3 SIN C . -3.35 -20.68 5.09
O3 SIN C . -2.78 -20.52 6.41
O4 SIN C . -2.62 -18.82 5.94
O4 SIN C . -2.65 -18.38 6.35
N1 EPE D . 7.55 7.83 14.66
C2 EPE D . 6.59 8.87 15.08
C3 EPE D . 6.68 9.11 16.58
N4 EPE D . 7.33 8.00 17.24
C5 EPE D . 8.72 7.96 16.83
C6 EPE D . 8.86 8.01 15.31
C7 EPE D . 7.18 8.05 18.69
C8 EPE D . 7.42 9.41 19.33
O8 EPE D . 7.76 9.22 20.69
C9 EPE D . 7.71 7.81 13.19
C10 EPE D . 6.39 7.38 12.57
S EPE D . 6.50 6.59 10.93
O1S EPE D . 5.42 7.26 10.25
O2S EPE D . 6.27 5.17 11.16
O3S EPE D . 7.79 6.84 10.32
NA NA E . 2.68 7.71 -2.26
NA NA F . -2.52 -22.84 4.65
CL CL G . -11.93 -13.94 -20.32
CL CL H . -16.07 -17.36 1.38
CL CL H . -16.29 -15.82 2.88
#